data_5TEW
#
_entry.id   5TEW
#
_cell.length_a   59.940
_cell.length_b   59.940
_cell.length_c   162.930
_cell.angle_alpha   90.000
_cell.angle_beta   90.000
_cell.angle_gamma   120.000
#
_symmetry.space_group_name_H-M   'P 32 2 1'
#
loop_
_entity.id
_entity.type
_entity.pdbx_description
1 polymer 'Tryptophan--tRNA ligase'
2 non-polymer TRYPTOPHAN
3 non-polymer 'SULFATE ION'
4 water water
#
_entity_poly.entity_id   1
_entity_poly.type   'polypeptide(L)'
_entity_poly.pdbx_seq_one_letter_code
;MAHHHHHHMSKKRVLTGVTTTGTPHLGNYVGAIRPAVRAAQNPDTESFLFLADYHGIIKCHEQEMIHQSTQAVAATWLAC
GLDPERTTFYRQSDIPEVMELNWILTCITAKGLMNRAHAYKAAVQANAENGQEDPDFGVEMGLFSYPILMTADILMFNAN
EVPVGRDQIQHVEMARDIAGRFNHRFQELFTLPEVKIDENVELLVGLDGRKMSKSYGNTIPLWENDKKTQKSVNKIITNM
KEPGEPKQPDESPLFEIYKAFSTPSETAEFTQMLADGLAWGEAKKLSAAKINAELAELRERYNALTSNPSQIEEILQAGA
QKARKEARELLDKVRDAVGIRPLK
;
_entity_poly.pdbx_strand_id   A
#
loop_
_chem_comp.id
_chem_comp.type
_chem_comp.name
_chem_comp.formula
SO4 non-polymer 'SULFATE ION' 'O4 S -2'
#
# COMPACT_ATOMS: atom_id res chain seq x y z
N LYS A 12 -8.22 -19.90 1.85
CA LYS A 12 -8.47 -18.51 2.21
C LYS A 12 -7.41 -17.61 1.61
N ARG A 13 -7.73 -16.99 0.49
CA ARG A 13 -6.75 -16.28 -0.30
C ARG A 13 -6.83 -14.78 -0.01
N VAL A 14 -5.69 -14.18 0.30
CA VAL A 14 -5.61 -12.82 0.76
C VAL A 14 -4.70 -12.08 -0.22
N LEU A 15 -5.17 -10.95 -0.74
CA LEU A 15 -4.54 -10.33 -1.89
C LEU A 15 -4.47 -8.82 -1.69
N THR A 16 -3.32 -8.25 -1.99
CA THR A 16 -3.07 -6.83 -1.76
C THR A 16 -2.26 -6.26 -2.92
N GLY A 17 -2.64 -5.06 -3.35
CA GLY A 17 -1.86 -4.27 -4.30
C GLY A 17 -1.17 -3.13 -3.58
N VAL A 18 0.06 -2.82 -3.98
CA VAL A 18 0.75 -1.68 -3.42
C VAL A 18 1.21 -0.83 -4.58
N THR A 19 1.19 0.48 -4.36
CA THR A 19 1.54 1.39 -5.43
C THR A 19 3.04 1.48 -5.55
N THR A 20 3.50 1.81 -6.75
CA THR A 20 4.92 1.98 -6.99
C THR A 20 5.10 3.40 -7.51
N THR A 21 4.65 4.37 -6.73
CA THR A 21 4.61 5.74 -7.18
C THR A 21 5.51 6.64 -6.34
N GLY A 22 6.17 6.11 -5.32
CA GLY A 22 7.16 6.87 -4.59
C GLY A 22 7.95 5.95 -3.69
N THR A 23 8.84 6.56 -2.89
CA THR A 23 9.62 5.75 -1.95
C THR A 23 8.89 5.67 -0.62
N PRO A 24 8.71 4.47 -0.06
CA PRO A 24 7.98 4.32 1.21
C PRO A 24 8.65 5.06 2.35
N HIS A 25 7.84 5.53 3.29
CA HIS A 25 8.34 6.22 4.48
C HIS A 25 7.92 5.47 5.75
N LEU A 26 8.27 6.02 6.93
CA LEU A 26 7.89 5.41 8.21
C LEU A 26 6.39 5.13 8.28
N GLY A 27 5.56 6.04 7.75
CA GLY A 27 4.12 5.85 7.83
C GLY A 27 3.65 4.60 7.10
N ASN A 28 4.20 4.34 5.92
CA ASN A 28 3.86 3.10 5.22
C ASN A 28 4.36 1.89 5.99
N TYR A 29 5.46 2.05 6.73
CA TYR A 29 6.00 0.94 7.51
C TYR A 29 5.08 0.57 8.67
N VAL A 30 4.74 1.55 9.51
CA VAL A 30 3.89 1.29 10.67
C VAL A 30 2.49 0.87 10.25
N GLY A 31 1.89 1.60 9.32
CA GLY A 31 0.47 1.42 9.01
C GLY A 31 0.15 0.33 8.02
N ALA A 32 1.11 -0.14 7.24
CA ALA A 32 0.79 -1.13 6.23
C ALA A 32 1.79 -2.28 6.19
N ILE A 33 3.06 -1.95 5.95
CA ILE A 33 4.05 -2.97 5.65
C ILE A 33 4.26 -3.89 6.84
N ARG A 34 4.65 -3.32 7.98
CA ARG A 34 4.90 -4.13 9.18
C ARG A 34 3.71 -4.98 9.56
N PRO A 35 2.47 -4.47 9.66
CA PRO A 35 1.34 -5.38 9.90
C PRO A 35 1.15 -6.43 8.82
N ALA A 36 1.37 -6.07 7.56
CA ALA A 36 1.09 -7.04 6.50
C ALA A 36 2.11 -8.16 6.49
N VAL A 37 3.38 -7.85 6.75
CA VAL A 37 4.40 -8.88 6.77
C VAL A 37 4.13 -9.88 7.88
N ARG A 38 3.74 -9.37 9.06
CA ARG A 38 3.37 -10.26 10.15
C ARG A 38 2.15 -11.10 9.77
N ALA A 39 1.16 -10.46 9.15
CA ALA A 39 -0.11 -11.12 8.85
C ALA A 39 0.03 -12.16 7.74
N ALA A 40 0.93 -11.94 6.78
CA ALA A 40 1.14 -12.95 5.73
C ALA A 40 1.85 -14.19 6.23
N GLN A 41 2.22 -14.28 7.50
CA GLN A 41 2.85 -15.49 8.02
C GLN A 41 1.85 -16.52 8.51
N ASN A 42 0.56 -16.19 8.54
CA ASN A 42 -0.46 -17.12 8.94
C ASN A 42 -0.52 -18.30 7.97
N PRO A 43 -0.24 -19.53 8.41
CA PRO A 43 -0.32 -20.68 7.49
C PRO A 43 -1.73 -20.98 6.99
N ASP A 44 -2.76 -20.40 7.61
CA ASP A 44 -4.13 -20.67 7.22
C ASP A 44 -4.58 -19.84 6.02
N THR A 45 -3.71 -18.99 5.49
CA THR A 45 -4.03 -18.13 4.37
C THR A 45 -3.02 -18.36 3.26
N GLU A 46 -3.46 -18.22 2.03
CA GLU A 46 -2.57 -18.09 0.90
C GLU A 46 -2.38 -16.59 0.64
N SER A 47 -1.15 -16.18 0.43
CA SER A 47 -0.75 -14.78 0.51
C SER A 47 -0.34 -14.28 -0.87
N PHE A 48 -1.00 -13.22 -1.34
CA PHE A 48 -0.70 -12.60 -2.63
C PHE A 48 -0.40 -11.13 -2.43
N LEU A 49 0.71 -10.67 -2.99
CA LEU A 49 1.01 -9.24 -2.96
C LEU A 49 1.69 -8.84 -4.26
N PHE A 50 1.14 -7.84 -4.94
CA PHE A 50 1.71 -7.40 -6.19
C PHE A 50 2.01 -5.92 -6.16
N LEU A 51 2.94 -5.54 -7.02
CA LEU A 51 3.24 -4.14 -7.30
C LEU A 51 2.31 -3.64 -8.41
N ALA A 52 1.49 -2.64 -8.09
CA ALA A 52 0.54 -2.09 -9.05
C ALA A 52 1.21 -1.08 -9.99
N ASP A 53 2.25 -1.54 -10.69
CA ASP A 53 3.01 -0.59 -11.52
C ASP A 53 2.20 -0.09 -12.75
N TYR A 54 1.25 -0.85 -13.26
CA TYR A 54 0.49 -0.27 -14.35
C TYR A 54 -0.50 0.80 -13.87
N HIS A 55 -0.88 0.79 -12.59
CA HIS A 55 -1.65 1.90 -12.03
C HIS A 55 -0.82 3.18 -11.95
N GLY A 56 0.50 3.06 -11.98
CA GLY A 56 1.35 4.24 -11.89
C GLY A 56 1.23 5.17 -13.08
N ILE A 57 0.83 4.68 -14.23
CA ILE A 57 0.78 5.58 -15.38
C ILE A 57 -0.60 6.19 -15.51
N ILE A 58 -1.48 5.93 -14.54
CA ILE A 58 -2.79 6.59 -14.53
C ILE A 58 -2.62 8.10 -14.55
N LYS A 59 -1.76 8.61 -13.67
CA LYS A 59 -1.50 10.02 -13.57
C LYS A 59 -0.02 10.34 -13.71
N CYS A 60 0.83 9.67 -12.94
CA CYS A 60 2.25 9.98 -12.91
C CYS A 60 2.85 9.90 -14.31
N HIS A 61 3.90 10.68 -14.53
CA HIS A 61 4.49 10.74 -15.85
C HIS A 61 6.02 10.77 -15.89
N GLU A 62 6.70 10.99 -14.77
CA GLU A 62 8.16 11.11 -14.80
C GLU A 62 8.82 9.82 -15.28
N GLN A 63 9.90 9.97 -16.06
CA GLN A 63 10.43 8.87 -16.86
C GLN A 63 10.81 7.68 -16.00
N GLU A 64 11.61 7.89 -14.96
CA GLU A 64 12.11 6.80 -14.14
C GLU A 64 11.34 6.63 -12.83
N MET A 65 10.29 7.42 -12.62
CA MET A 65 9.55 7.38 -11.36
C MET A 65 9.03 5.98 -11.06
N ILE A 66 8.37 5.36 -12.04
CA ILE A 66 7.80 4.03 -11.82
C ILE A 66 8.89 3.00 -11.59
N HIS A 67 9.96 3.08 -12.37
CA HIS A 67 11.03 2.09 -12.27
C HIS A 67 11.78 2.23 -10.96
N GLN A 68 12.03 3.46 -10.53
CA GLN A 68 12.71 3.64 -9.24
C GLN A 68 11.78 3.29 -8.08
N SER A 69 10.52 3.72 -8.14
CA SER A 69 9.59 3.37 -7.07
C SER A 69 9.35 1.87 -7.04
N THR A 70 9.36 1.22 -8.21
CA THR A 70 9.23 -0.24 -8.22
C THR A 70 10.38 -0.89 -7.48
N GLN A 71 11.61 -0.49 -7.80
CA GLN A 71 12.78 -1.06 -7.13
C GLN A 71 12.77 -0.78 -5.63
N ALA A 72 12.32 0.41 -5.24
CA ALA A 72 12.35 0.74 -3.82
C ALA A 72 11.20 0.08 -3.07
N VAL A 73 10.01 -0.01 -3.69
CA VAL A 73 8.89 -0.67 -3.01
C VAL A 73 9.13 -2.17 -2.92
N ALA A 74 9.62 -2.79 -4.00
CA ALA A 74 9.98 -4.21 -3.94
C ALA A 74 11.08 -4.46 -2.90
N ALA A 75 12.09 -3.58 -2.83
CA ALA A 75 13.15 -3.77 -1.85
C ALA A 75 12.64 -3.53 -0.43
N THR A 76 11.78 -2.54 -0.25
CA THR A 76 11.18 -2.27 1.05
C THR A 76 10.46 -3.51 1.62
N TRP A 77 9.52 -4.07 0.85
CA TRP A 77 8.79 -5.23 1.32
C TRP A 77 9.72 -6.41 1.57
N LEU A 78 10.68 -6.65 0.68
CA LEU A 78 11.65 -7.71 0.93
C LEU A 78 12.43 -7.42 2.19
N ALA A 79 12.97 -6.21 2.31
CA ALA A 79 13.82 -5.92 3.46
C ALA A 79 13.07 -6.08 4.76
N CYS A 80 11.74 -5.91 4.73
CA CYS A 80 10.92 -5.98 5.93
C CYS A 80 10.42 -7.39 6.21
N GLY A 81 10.87 -8.39 5.48
CA GLY A 81 10.62 -9.77 5.86
C GLY A 81 9.56 -10.48 5.05
N LEU A 82 9.00 -9.83 4.04
CA LEU A 82 8.15 -10.52 3.10
C LEU A 82 8.88 -11.71 2.48
N ASP A 83 8.35 -12.91 2.69
CA ASP A 83 8.97 -14.13 2.20
C ASP A 83 8.32 -14.52 0.89
N PRO A 84 9.05 -14.53 -0.23
CA PRO A 84 8.42 -14.92 -1.52
C PRO A 84 8.13 -16.41 -1.62
N GLU A 85 8.84 -17.26 -0.87
CA GLU A 85 8.49 -18.68 -0.79
C GLU A 85 7.09 -18.90 -0.20
N ARG A 86 6.60 -17.95 0.61
CA ARG A 86 5.28 -17.98 1.23
C ARG A 86 4.29 -17.15 0.44
N THR A 87 4.72 -15.96 0.04
CA THR A 87 3.88 -14.98 -0.62
C THR A 87 4.17 -15.00 -2.12
N THR A 88 3.14 -15.21 -2.92
CA THR A 88 3.26 -14.97 -4.35
C THR A 88 3.40 -13.46 -4.59
N PHE A 89 4.55 -13.08 -5.11
CA PHE A 89 5.04 -11.70 -5.06
C PHE A 89 5.50 -11.34 -6.46
N TYR A 90 4.80 -10.40 -7.10
CA TYR A 90 4.91 -10.21 -8.53
C TYR A 90 4.55 -8.79 -8.90
N ARG A 91 4.98 -8.39 -10.10
CA ARG A 91 4.57 -7.14 -10.72
C ARG A 91 3.28 -7.37 -11.50
N GLN A 92 2.34 -6.43 -11.35
CA GLN A 92 1.15 -6.45 -12.19
C GLN A 92 1.51 -6.49 -13.67
N SER A 93 2.59 -5.82 -14.05
CA SER A 93 3.00 -5.75 -15.46
C SER A 93 3.62 -7.03 -15.98
N ASP A 94 3.69 -8.06 -15.15
CA ASP A 94 4.18 -9.36 -15.56
C ASP A 94 3.05 -10.38 -15.64
N ILE A 95 1.81 -9.94 -15.50
CA ILE A 95 0.64 -10.81 -15.62
C ILE A 95 -0.21 -10.36 -16.81
N PRO A 96 0.06 -10.80 -18.04
CA PRO A 96 -0.77 -10.35 -19.17
C PRO A 96 -2.22 -10.78 -19.04
N GLU A 97 -2.48 -11.86 -18.32
CA GLU A 97 -3.87 -12.31 -18.17
C GLU A 97 -4.73 -11.23 -17.53
N VAL A 98 -4.18 -10.49 -16.57
CA VAL A 98 -4.95 -9.41 -15.93
C VAL A 98 -5.43 -8.40 -16.96
N MET A 99 -4.59 -8.08 -17.94
CA MET A 99 -4.99 -7.10 -18.94
C MET A 99 -6.07 -7.64 -19.88
N GLU A 100 -6.02 -8.94 -20.15
CA GLU A 100 -7.12 -9.55 -20.90
C GLU A 100 -8.39 -9.54 -20.08
N LEU A 101 -8.32 -9.98 -18.82
CA LEU A 101 -9.49 -9.95 -17.96
C LEU A 101 -10.07 -8.56 -17.84
N ASN A 102 -9.20 -7.53 -17.85
CA ASN A 102 -9.69 -6.16 -17.69
C ASN A 102 -10.64 -5.76 -18.81
N TRP A 103 -10.38 -6.22 -20.03
CA TRP A 103 -11.31 -5.92 -21.13
C TRP A 103 -12.64 -6.65 -20.94
N ILE A 104 -12.58 -7.91 -20.54
CA ILE A 104 -13.79 -8.70 -20.39
C ILE A 104 -14.72 -8.09 -19.35
N LEU A 105 -14.16 -7.73 -18.19
CA LEU A 105 -14.96 -7.11 -17.15
C LEU A 105 -15.47 -5.73 -17.56
N THR A 106 -14.69 -4.99 -18.33
CA THR A 106 -15.16 -3.74 -18.91
C THR A 106 -16.47 -3.95 -19.68
N CYS A 107 -16.58 -5.07 -20.40
CA CYS A 107 -17.79 -5.24 -21.21
C CYS A 107 -19.04 -5.50 -20.38
N ILE A 108 -18.93 -5.84 -19.10
CA ILE A 108 -20.12 -6.02 -18.28
C ILE A 108 -20.25 -4.99 -17.17
N THR A 109 -19.33 -4.04 -17.09
CA THR A 109 -19.41 -2.97 -16.10
C THR A 109 -20.27 -1.83 -16.62
N ALA A 110 -21.25 -1.39 -15.83
CA ALA A 110 -22.08 -0.26 -16.25
C ALA A 110 -21.31 1.05 -16.08
N LYS A 111 -21.51 1.97 -17.01
CA LYS A 111 -20.79 3.24 -16.94
C LYS A 111 -21.16 4.00 -15.68
N GLY A 112 -22.43 3.93 -15.28
CA GLY A 112 -22.83 4.56 -14.03
C GLY A 112 -21.98 4.15 -12.85
N LEU A 113 -21.50 2.90 -12.85
CA LEU A 113 -20.60 2.47 -11.79
C LEU A 113 -19.32 3.29 -11.81
N MET A 114 -18.82 3.64 -13.00
CA MET A 114 -17.62 4.47 -13.10
C MET A 114 -17.94 5.95 -12.91
N ASN A 115 -19.15 6.36 -13.28
CA ASN A 115 -19.62 7.70 -12.96
C ASN A 115 -19.54 7.98 -11.46
N ARG A 116 -19.75 6.95 -10.64
CA ARG A 116 -19.82 7.14 -9.20
C ARG A 116 -18.50 6.81 -8.49
N ALA A 117 -17.51 6.25 -9.19
CA ALA A 117 -16.20 6.03 -8.59
C ALA A 117 -15.67 7.31 -7.97
N HIS A 118 -15.22 7.20 -6.72
CA HIS A 118 -14.91 8.39 -5.93
C HIS A 118 -13.82 9.25 -6.58
N ALA A 119 -12.75 8.62 -7.05
CA ALA A 119 -11.67 9.38 -7.66
C ALA A 119 -12.18 10.24 -8.81
N TYR A 120 -13.12 9.72 -9.59
CA TYR A 120 -13.72 10.49 -10.66
C TYR A 120 -14.61 11.61 -10.13
N LYS A 121 -15.47 11.31 -9.14
CA LYS A 121 -16.30 12.36 -8.56
C LYS A 121 -15.45 13.49 -7.99
N ALA A 122 -14.26 13.16 -7.49
CA ALA A 122 -13.39 14.19 -6.95
C ALA A 122 -12.81 15.07 -8.05
N ALA A 123 -12.40 14.47 -9.17
CA ALA A 123 -11.93 15.29 -10.28
C ALA A 123 -13.03 16.22 -10.80
N VAL A 124 -14.27 15.73 -10.83
CA VAL A 124 -15.37 16.54 -11.34
C VAL A 124 -15.66 17.70 -10.40
N GLN A 125 -15.73 17.42 -9.09
CA GLN A 125 -15.98 18.47 -8.10
C GLN A 125 -14.84 19.49 -8.06
N ALA A 126 -13.60 19.06 -8.37
CA ALA A 126 -12.47 19.99 -8.35
C ALA A 126 -12.50 20.94 -9.54
N ASN A 127 -12.89 20.44 -10.72
CA ASN A 127 -13.21 21.34 -11.83
C ASN A 127 -14.27 22.35 -11.41
N ALA A 128 -15.34 21.86 -10.78
CA ALA A 128 -16.41 22.77 -10.38
C ALA A 128 -15.96 23.70 -9.25
N GLU A 129 -15.08 23.22 -8.36
CA GLU A 129 -14.52 24.12 -7.36
C GLU A 129 -13.59 25.14 -8.00
N ASN A 130 -12.98 24.80 -9.14
CA ASN A 130 -12.09 25.71 -9.85
C ASN A 130 -12.80 26.48 -10.95
N GLY A 131 -14.13 26.59 -10.89
CA GLY A 131 -14.87 27.35 -11.89
C GLY A 131 -14.86 26.75 -13.27
N GLN A 132 -14.49 25.48 -13.39
CA GLN A 132 -14.42 24.78 -14.66
C GLN A 132 -15.76 24.13 -14.95
N GLU A 133 -16.46 24.66 -15.97
CA GLU A 133 -17.82 24.24 -16.34
C GLU A 133 -17.85 22.96 -17.17
N ASP A 134 -16.68 22.40 -17.50
CA ASP A 134 -16.59 21.11 -18.17
C ASP A 134 -16.20 20.07 -17.13
N PRO A 135 -17.09 19.16 -16.75
CA PRO A 135 -16.78 18.26 -15.63
C PRO A 135 -15.60 17.35 -15.92
N ASP A 136 -15.32 17.06 -17.18
CA ASP A 136 -14.28 16.11 -17.56
C ASP A 136 -12.97 16.78 -17.98
N PHE A 137 -12.86 18.10 -17.82
CA PHE A 137 -11.65 18.81 -18.15
C PHE A 137 -10.43 18.18 -17.47
N GLY A 138 -9.46 17.78 -18.27
CA GLY A 138 -8.25 17.16 -17.77
C GLY A 138 -8.38 15.71 -17.36
N VAL A 139 -9.59 15.16 -17.34
CA VAL A 139 -9.78 13.78 -16.94
C VAL A 139 -9.33 12.85 -18.07
N GLU A 140 -8.46 11.90 -17.74
CA GLU A 140 -8.03 10.88 -18.67
C GLU A 140 -8.65 9.55 -18.28
N MET A 141 -8.69 8.64 -19.26
CA MET A 141 -9.52 7.45 -19.09
C MET A 141 -8.94 6.50 -18.05
N GLY A 142 -7.64 6.58 -17.77
CA GLY A 142 -7.09 5.80 -16.68
C GLY A 142 -7.77 6.11 -15.36
N LEU A 143 -7.98 7.39 -15.06
CA LEU A 143 -8.69 7.75 -13.84
C LEU A 143 -10.12 7.25 -13.87
N PHE A 144 -10.75 7.25 -15.05
CA PHE A 144 -12.13 6.81 -15.13
C PHE A 144 -12.26 5.30 -15.01
N SER A 145 -11.28 4.56 -15.52
CA SER A 145 -11.44 3.12 -15.73
C SER A 145 -10.61 2.27 -14.79
N TYR A 146 -9.69 2.87 -14.03
CA TYR A 146 -8.87 2.05 -13.16
C TYR A 146 -9.66 1.22 -12.15
N PRO A 147 -10.85 1.61 -11.67
CA PRO A 147 -11.58 0.69 -10.77
C PRO A 147 -11.85 -0.65 -11.43
N ILE A 148 -11.96 -0.70 -12.76
CA ILE A 148 -12.14 -1.98 -13.44
C ILE A 148 -10.85 -2.77 -13.44
N LEU A 149 -9.72 -2.11 -13.69
CA LEU A 149 -8.46 -2.83 -13.64
C LEU A 149 -8.18 -3.35 -12.23
N MET A 150 -8.48 -2.55 -11.20
CA MET A 150 -8.37 -3.00 -9.82
C MET A 150 -9.26 -4.21 -9.56
N THR A 151 -10.46 -4.22 -10.14
CA THR A 151 -11.31 -5.38 -10.04
C THR A 151 -10.65 -6.59 -10.70
N ALA A 152 -10.09 -6.41 -11.90
CA ALA A 152 -9.38 -7.52 -12.54
C ALA A 152 -8.21 -7.99 -11.68
N ASP A 153 -7.42 -7.07 -11.14
CA ASP A 153 -6.32 -7.43 -10.26
C ASP A 153 -6.76 -8.41 -9.17
N ILE A 154 -7.98 -8.23 -8.65
CA ILE A 154 -8.48 -9.01 -7.55
C ILE A 154 -9.12 -10.30 -8.02
N LEU A 155 -10.09 -10.18 -8.93
CA LEU A 155 -10.82 -11.35 -9.41
C LEU A 155 -9.90 -12.31 -10.17
N MET A 156 -8.84 -11.81 -10.81
CA MET A 156 -7.99 -12.68 -11.59
C MET A 156 -7.50 -13.84 -10.75
N PHE A 157 -7.38 -13.63 -9.44
CA PHE A 157 -6.93 -14.68 -8.53
C PHE A 157 -8.01 -15.08 -7.53
N ASN A 158 -9.25 -14.63 -7.71
CA ASN A 158 -10.39 -15.05 -6.88
C ASN A 158 -10.05 -14.91 -5.40
N ALA A 159 -9.53 -13.75 -5.05
CA ALA A 159 -9.21 -13.47 -3.65
C ALA A 159 -10.46 -13.53 -2.77
N ASN A 160 -10.31 -14.14 -1.60
CA ASN A 160 -11.38 -14.11 -0.62
C ASN A 160 -11.42 -12.79 0.15
N GLU A 161 -10.26 -12.33 0.58
CA GLU A 161 -10.14 -11.16 1.41
C GLU A 161 -9.11 -10.25 0.77
N VAL A 162 -9.38 -8.95 0.77
CA VAL A 162 -8.48 -7.96 0.21
C VAL A 162 -8.21 -6.94 1.29
N PRO A 163 -7.04 -7.00 1.92
CA PRO A 163 -6.72 -6.04 2.99
C PRO A 163 -6.60 -4.65 2.40
N VAL A 164 -7.46 -3.74 2.83
CA VAL A 164 -7.48 -2.39 2.32
C VAL A 164 -7.64 -1.45 3.50
N GLY A 165 -7.28 -0.18 3.28
CA GLY A 165 -7.65 0.85 4.21
C GLY A 165 -9.11 1.24 4.06
N ARG A 166 -9.58 2.02 5.04
CA ARG A 166 -10.91 2.63 4.94
C ARG A 166 -11.08 3.32 3.60
N ASP A 167 -10.05 4.05 3.17
CA ASP A 167 -10.10 4.76 1.89
C ASP A 167 -10.52 3.84 0.75
N GLN A 168 -10.09 2.60 0.77
CA GLN A 168 -10.22 1.73 -0.39
C GLN A 168 -11.47 0.84 -0.37
N ILE A 169 -12.36 1.02 0.61
CA ILE A 169 -13.50 0.10 0.75
C ILE A 169 -14.39 0.14 -0.48
N GLN A 170 -14.65 1.33 -1.03
CA GLN A 170 -15.44 1.42 -2.25
C GLN A 170 -14.89 0.51 -3.34
N HIS A 171 -13.57 0.39 -3.43
CA HIS A 171 -12.95 -0.35 -4.53
C HIS A 171 -13.25 -1.85 -4.44
N VAL A 172 -13.29 -2.40 -3.24
CA VAL A 172 -13.67 -3.81 -3.11
C VAL A 172 -15.17 -3.98 -3.36
N GLU A 173 -15.98 -3.10 -2.78
CA GLU A 173 -17.41 -3.15 -3.04
C GLU A 173 -17.69 -3.06 -4.53
N MET A 174 -16.87 -2.30 -5.27
CA MET A 174 -17.05 -2.26 -6.72
C MET A 174 -16.66 -3.60 -7.37
N ALA A 175 -15.63 -4.26 -6.85
CA ALA A 175 -15.27 -5.56 -7.41
C ALA A 175 -16.37 -6.59 -7.19
N ARG A 176 -16.99 -6.57 -6.01
CA ARG A 176 -18.12 -7.46 -5.72
C ARG A 176 -19.26 -7.21 -6.70
N ASP A 177 -19.50 -5.94 -7.02
CA ASP A 177 -20.56 -5.57 -7.96
C ASP A 177 -20.25 -6.11 -9.35
N ILE A 178 -19.02 -5.94 -9.81
CA ILE A 178 -18.66 -6.43 -11.12
C ILE A 178 -18.62 -7.95 -11.15
N ALA A 179 -18.08 -8.58 -10.09
CA ALA A 179 -18.04 -10.04 -10.05
C ALA A 179 -19.45 -10.61 -10.13
N GLY A 180 -20.38 -10.01 -9.40
CA GLY A 180 -21.75 -10.47 -9.45
C GLY A 180 -22.34 -10.39 -10.85
N ARG A 181 -22.13 -9.26 -11.52
CA ARG A 181 -22.70 -9.08 -12.84
C ARG A 181 -22.09 -10.04 -13.85
N PHE A 182 -20.78 -10.27 -13.76
CA PHE A 182 -20.21 -11.29 -14.63
C PHE A 182 -20.80 -12.65 -14.31
N ASN A 183 -20.82 -13.00 -13.01
CA ASN A 183 -21.36 -14.29 -12.59
C ASN A 183 -22.77 -14.51 -13.13
N HIS A 184 -23.58 -13.46 -13.19
CA HIS A 184 -24.97 -13.62 -13.59
C HIS A 184 -25.13 -13.58 -15.10
N ARG A 185 -24.35 -12.75 -15.80
CA ARG A 185 -24.47 -12.70 -17.26
C ARG A 185 -23.88 -13.93 -17.90
N PHE A 186 -22.76 -14.43 -17.39
CA PHE A 186 -22.08 -15.54 -18.03
C PHE A 186 -22.22 -16.80 -17.21
N GLN A 187 -21.36 -16.99 -16.20
CA GLN A 187 -21.58 -18.04 -15.23
C GLN A 187 -20.73 -17.76 -14.00
N GLU A 188 -21.06 -18.47 -12.91
CA GLU A 188 -20.44 -18.20 -11.62
C GLU A 188 -18.99 -18.68 -11.57
N LEU A 189 -18.08 -17.83 -12.03
CA LEU A 189 -16.66 -18.14 -11.99
C LEU A 189 -15.92 -17.37 -10.92
N PHE A 190 -16.49 -16.27 -10.44
CA PHE A 190 -15.76 -15.36 -9.58
C PHE A 190 -16.34 -15.41 -8.18
N THR A 191 -15.48 -15.68 -7.20
CA THR A 191 -15.90 -15.52 -5.82
C THR A 191 -15.98 -14.02 -5.51
N LEU A 192 -16.97 -13.64 -4.71
CA LEU A 192 -17.13 -12.24 -4.34
C LEU A 192 -16.11 -11.87 -3.28
N PRO A 193 -15.22 -10.93 -3.53
CA PRO A 193 -14.15 -10.63 -2.58
C PRO A 193 -14.66 -9.82 -1.41
N GLU A 194 -13.86 -9.82 -0.35
CA GLU A 194 -14.25 -9.21 0.91
C GLU A 194 -13.15 -8.30 1.43
N VAL A 195 -13.58 -7.13 1.91
CA VAL A 195 -12.69 -6.22 2.63
C VAL A 195 -12.07 -6.93 3.82
N LYS A 196 -10.80 -6.64 4.10
CA LYS A 196 -10.19 -7.03 5.36
C LYS A 196 -9.58 -5.79 6.01
N ILE A 197 -10.04 -5.47 7.22
CA ILE A 197 -9.67 -4.26 7.94
C ILE A 197 -9.20 -4.67 9.32
N ASP A 198 -8.05 -4.14 9.76
CA ASP A 198 -7.57 -4.39 11.12
C ASP A 198 -7.73 -3.11 11.92
N GLU A 199 -8.72 -3.09 12.80
CA GLU A 199 -8.95 -1.90 13.63
C GLU A 199 -7.90 -1.76 14.74
N ASN A 200 -6.70 -2.36 14.60
CA ASN A 200 -5.63 -2.24 15.59
C ASN A 200 -4.37 -1.53 15.09
N VAL A 201 -4.28 -1.22 13.80
CA VAL A 201 -3.12 -0.52 13.24
C VAL A 201 -3.32 0.97 13.43
N GLU A 202 -2.51 1.60 14.28
CA GLU A 202 -2.55 3.04 14.47
C GLU A 202 -1.82 3.72 13.31
N LEU A 203 -2.49 4.62 12.61
CA LEU A 203 -1.81 5.39 11.58
C LEU A 203 -0.80 6.31 12.23
N LEU A 204 0.37 6.46 11.60
CA LEU A 204 1.50 7.15 12.18
C LEU A 204 1.45 8.63 11.85
N VAL A 205 1.58 9.46 12.88
CA VAL A 205 1.58 10.91 12.72
C VAL A 205 2.91 11.36 12.14
N GLY A 206 2.89 12.51 11.45
CA GLY A 206 4.09 13.11 10.90
C GLY A 206 4.68 14.18 11.80
N LEU A 207 5.64 14.93 11.22
CA LEU A 207 6.43 15.90 11.98
C LEU A 207 5.60 17.06 12.50
N ASP A 208 4.41 17.27 11.95
CA ASP A 208 3.61 18.45 12.25
C ASP A 208 2.29 18.11 12.92
N GLY A 209 2.10 16.86 13.36
CA GLY A 209 0.92 16.44 14.07
C GLY A 209 -0.07 15.68 13.22
N ARG A 210 -0.06 15.89 11.91
CA ARG A 210 -1.02 15.24 11.03
C ARG A 210 -0.51 13.85 10.62
N LYS A 211 -1.40 13.07 10.02
CA LYS A 211 -1.03 11.76 9.51
C LYS A 211 0.11 11.91 8.51
N MET A 212 1.09 11.02 8.60
CA MET A 212 2.29 11.12 7.77
C MET A 212 1.97 10.78 6.33
N SER A 213 2.31 11.67 5.40
CA SER A 213 1.87 11.52 4.02
C SER A 213 2.76 12.32 3.09
N LYS A 214 3.18 11.70 1.99
CA LYS A 214 4.07 12.36 1.03
C LYS A 214 3.53 13.73 0.64
N SER A 215 2.22 13.84 0.43
CA SER A 215 1.62 15.09 -0.01
C SER A 215 1.65 16.17 1.06
N TYR A 216 1.85 15.80 2.32
CA TYR A 216 1.92 16.77 3.41
C TYR A 216 3.33 17.30 3.65
N GLY A 217 4.34 16.66 3.06
CA GLY A 217 5.72 17.00 3.40
C GLY A 217 6.03 16.86 4.87
N ASN A 218 5.44 15.88 5.56
CA ASN A 218 5.65 15.68 6.98
C ASN A 218 6.26 14.31 7.27
N THR A 219 6.83 13.66 6.27
CA THR A 219 7.25 12.28 6.38
C THR A 219 8.65 12.18 6.95
N ILE A 220 8.93 11.03 7.54
CA ILE A 220 10.28 10.61 7.88
C ILE A 220 10.66 9.51 6.91
N PRO A 221 11.83 9.56 6.28
CA PRO A 221 12.26 8.46 5.43
C PRO A 221 12.35 7.16 6.21
N LEU A 222 12.08 6.07 5.51
CA LEU A 222 12.15 4.75 6.10
C LEU A 222 13.57 4.19 6.07
N TRP A 223 14.34 4.53 5.04
CA TRP A 223 15.65 3.94 4.78
C TRP A 223 16.70 5.04 4.85
N GLU A 224 17.17 5.32 6.05
CA GLU A 224 18.22 6.32 6.21
C GLU A 224 19.14 5.88 7.32
N ASN A 225 20.33 6.47 7.35
CA ASN A 225 21.24 6.05 8.41
C ASN A 225 20.81 6.67 9.74
N ASP A 226 21.50 6.27 10.80
CA ASP A 226 21.15 6.75 12.13
C ASP A 226 21.18 8.27 12.21
N LYS A 227 22.29 8.88 11.79
CA LYS A 227 22.43 10.33 11.91
C LYS A 227 21.33 11.06 11.16
N LYS A 228 20.93 10.54 10.00
CA LYS A 228 19.85 11.18 9.25
C LYS A 228 18.51 10.94 9.93
N THR A 229 18.27 9.71 10.40
CA THR A 229 17.05 9.45 11.16
C THR A 229 16.97 10.37 12.37
N GLN A 230 18.12 10.67 12.99
CA GLN A 230 18.14 11.62 14.11
C GLN A 230 17.73 13.01 13.64
N LYS A 231 18.40 13.52 12.60
CA LYS A 231 18.05 14.83 12.06
C LYS A 231 16.59 14.88 11.64
N SER A 232 16.06 13.80 11.10
CA SER A 232 14.63 13.77 10.83
C SER A 232 13.82 13.94 12.11
N VAL A 233 14.07 13.07 13.09
CA VAL A 233 13.31 13.12 14.35
C VAL A 233 13.38 14.49 14.98
N ASN A 234 14.49 15.21 14.82
CA ASN A 234 14.61 16.51 15.45
C ASN A 234 13.74 17.57 14.81
N LYS A 235 13.01 17.25 13.75
CA LYS A 235 12.06 18.19 13.15
C LYS A 235 10.64 18.01 13.66
N ILE A 236 10.39 17.03 14.54
CA ILE A 236 9.05 16.86 15.07
C ILE A 236 8.68 18.06 15.92
N ILE A 237 7.45 18.55 15.74
CA ILE A 237 6.96 19.68 16.52
C ILE A 237 7.04 19.34 18.01
N THR A 238 7.65 20.25 18.79
CA THR A 238 7.73 20.15 20.24
C THR A 238 7.08 21.38 20.86
N ASN A 239 7.40 21.69 22.13
CA ASN A 239 6.91 22.89 22.77
C ASN A 239 8.06 23.55 23.52
N MET A 240 7.75 24.65 24.22
CA MET A 240 8.73 25.49 24.88
C MET A 240 8.97 25.09 26.35
N LYS A 241 8.68 23.85 26.72
CA LYS A 241 8.88 23.41 28.10
C LYS A 241 10.34 23.11 28.37
N GLU A 242 10.75 23.33 29.59
CA GLU A 242 12.13 23.32 30.01
C GLU A 242 12.61 21.90 30.32
N PRO A 243 13.91 21.64 30.08
CA PRO A 243 14.49 20.33 30.41
C PRO A 243 14.20 19.79 31.80
N GLY A 244 13.43 20.51 32.62
CA GLY A 244 12.97 19.96 33.88
C GLY A 244 11.46 19.99 34.00
N GLU A 245 10.78 20.58 33.01
CA GLU A 245 9.35 20.83 33.09
C GLU A 245 8.57 19.55 32.86
N PRO A 246 7.44 19.35 33.55
CA PRO A 246 6.64 18.14 33.35
C PRO A 246 6.07 18.14 31.95
N LYS A 247 6.37 17.08 31.19
CA LYS A 247 5.94 16.94 29.82
C LYS A 247 4.89 15.84 29.76
N GLN A 248 3.70 16.21 29.30
CA GLN A 248 2.62 15.26 29.08
C GLN A 248 2.78 14.63 27.71
N PRO A 249 2.23 13.42 27.50
CA PRO A 249 2.46 12.74 26.23
C PRO A 249 1.72 13.37 25.06
N ASP A 250 0.55 13.97 25.29
CA ASP A 250 -0.22 14.60 24.21
C ASP A 250 0.44 15.87 23.66
N GLU A 251 1.64 16.25 24.08
CA GLU A 251 2.23 17.54 23.74
C GLU A 251 3.05 17.53 22.46
N SER A 252 3.52 16.37 22.00
CA SER A 252 4.35 16.33 20.79
C SER A 252 4.01 15.08 20.00
N PRO A 253 4.08 15.11 18.67
CA PRO A 253 3.95 13.86 17.90
C PRO A 253 5.08 12.88 18.21
N LEU A 254 6.18 13.38 18.78
CA LEU A 254 7.28 12.55 19.22
C LEU A 254 6.81 11.35 20.04
N PHE A 255 5.80 11.54 20.88
CA PHE A 255 5.35 10.44 21.72
C PHE A 255 4.72 9.33 20.90
N GLU A 256 3.86 9.68 19.93
CA GLU A 256 3.25 8.64 19.09
C GLU A 256 4.29 7.95 18.23
N ILE A 257 5.35 8.68 17.87
CA ILE A 257 6.46 8.10 17.13
C ILE A 257 7.16 7.06 17.99
N TYR A 258 7.59 7.45 19.20
CA TYR A 258 8.22 6.52 20.13
C TYR A 258 7.33 5.31 20.37
N LYS A 259 6.01 5.55 20.52
CA LYS A 259 5.05 4.49 20.78
C LYS A 259 5.02 3.46 19.66
N ALA A 260 5.05 3.92 18.40
CA ALA A 260 4.98 2.99 17.28
C ALA A 260 6.19 2.08 17.20
N PHE A 261 7.26 2.36 17.93
CA PHE A 261 8.48 1.57 17.85
C PHE A 261 8.88 0.98 19.19
N SER A 262 7.95 0.92 20.15
CA SER A 262 8.26 0.48 21.50
C SER A 262 7.13 -0.39 22.06
N THR A 263 7.52 -1.31 22.94
CA THR A 263 6.57 -2.07 23.73
C THR A 263 5.69 -1.14 24.56
N PRO A 264 4.50 -1.62 24.94
CA PRO A 264 3.74 -0.92 25.99
C PRO A 264 4.54 -0.57 27.22
N SER A 265 5.45 -1.44 27.66
CA SER A 265 6.21 -1.14 28.88
C SER A 265 7.18 0.00 28.66
N GLU A 266 7.85 0.01 27.50
CA GLU A 266 8.84 1.06 27.23
C GLU A 266 8.18 2.43 27.10
N THR A 267 7.03 2.49 26.42
CA THR A 267 6.32 3.77 26.28
C THR A 267 5.79 4.26 27.61
N ALA A 268 5.37 3.34 28.48
CA ALA A 268 5.00 3.72 29.84
C ALA A 268 6.20 4.29 30.58
N GLU A 269 7.35 3.62 30.47
CA GLU A 269 8.58 4.17 31.03
C GLU A 269 8.92 5.51 30.42
N PHE A 270 8.72 5.64 29.11
CA PHE A 270 8.94 6.90 28.42
C PHE A 270 8.00 7.99 28.95
N THR A 271 6.75 7.63 29.25
CA THR A 271 5.79 8.60 29.77
C THR A 271 6.26 9.16 31.11
N GLN A 272 6.55 8.27 32.07
CA GLN A 272 7.03 8.76 33.37
C GLN A 272 8.36 9.47 33.23
N MET A 273 9.20 9.04 32.28
CA MET A 273 10.43 9.76 31.99
C MET A 273 10.13 11.21 31.60
N LEU A 274 9.27 11.39 30.59
CA LEU A 274 8.78 12.72 30.24
C LEU A 274 8.13 13.40 31.45
N ALA A 275 7.26 12.67 32.14
CA ALA A 275 6.54 13.26 33.27
C ALA A 275 7.50 13.76 34.34
N ASP A 276 8.59 13.02 34.58
CA ASP A 276 9.60 13.49 35.52
C ASP A 276 10.48 14.60 34.95
N GLY A 277 10.27 15.02 33.70
CA GLY A 277 11.03 16.15 33.21
C GLY A 277 12.15 15.79 32.25
N LEU A 278 11.94 14.77 31.43
CA LEU A 278 12.85 14.49 30.32
C LEU A 278 12.82 15.66 29.34
N ALA A 279 13.98 16.20 29.00
CA ALA A 279 14.04 17.26 28.00
C ALA A 279 13.65 16.71 26.63
N TRP A 280 13.24 17.62 25.74
CA TRP A 280 12.83 17.19 24.40
C TRP A 280 14.02 16.67 23.60
N GLY A 281 15.19 17.30 23.75
CA GLY A 281 16.36 16.85 23.01
C GLY A 281 16.70 15.40 23.31
N GLU A 282 16.59 15.02 24.58
CA GLU A 282 16.84 13.63 24.95
C GLU A 282 15.72 12.72 24.49
N ALA A 283 14.48 13.19 24.59
CA ALA A 283 13.34 12.44 24.10
C ALA A 283 13.48 12.18 22.61
N LYS A 284 13.67 13.24 21.82
CA LYS A 284 13.94 13.06 20.40
C LYS A 284 15.08 12.08 20.20
N LYS A 285 16.15 12.22 20.98
CA LYS A 285 17.29 11.31 20.88
C LYS A 285 16.86 9.86 21.12
N LEU A 286 16.07 9.62 22.18
CA LEU A 286 15.67 8.25 22.49
C LEU A 286 14.76 7.69 21.40
N SER A 287 13.87 8.52 20.86
CA SER A 287 12.95 8.06 19.84
C SER A 287 13.69 7.62 18.59
N ALA A 288 14.68 8.41 18.16
CA ALA A 288 15.44 8.04 16.98
C ALA A 288 16.17 6.72 17.19
N ALA A 289 16.62 6.48 18.42
CA ALA A 289 17.33 5.25 18.73
C ALA A 289 16.40 4.04 18.67
N LYS A 290 15.17 4.18 19.18
CA LYS A 290 14.20 3.10 19.06
C LYS A 290 13.95 2.77 17.59
N ILE A 291 13.67 3.81 16.79
CA ILE A 291 13.47 3.65 15.36
C ILE A 291 14.67 2.95 14.73
N ASN A 292 15.87 3.48 15.02
CA ASN A 292 17.08 2.87 14.50
C ASN A 292 17.21 1.41 14.93
N ALA A 293 16.96 1.15 16.22
CA ALA A 293 17.14 -0.20 16.72
C ALA A 293 16.20 -1.17 16.01
N GLU A 294 14.92 -0.81 15.88
CA GLU A 294 14.00 -1.68 15.15
C GLU A 294 14.42 -1.84 13.69
N LEU A 295 14.99 -0.80 13.09
CA LEU A 295 15.22 -0.81 11.65
C LEU A 295 16.62 -1.24 11.25
N ALA A 296 17.56 -1.32 12.19
CA ALA A 296 18.96 -1.53 11.85
C ALA A 296 19.16 -2.69 10.89
N GLU A 297 18.58 -3.85 11.19
CA GLU A 297 18.79 -4.99 10.32
C GLU A 297 18.10 -4.80 8.98
N LEU A 298 16.82 -4.40 9.00
CA LEU A 298 16.10 -4.17 7.75
C LEU A 298 16.87 -3.21 6.86
N ARG A 299 17.42 -2.14 7.44
CA ARG A 299 18.17 -1.17 6.66
C ARG A 299 19.37 -1.82 5.97
N GLU A 300 19.99 -2.80 6.64
CA GLU A 300 21.11 -3.48 6.01
C GLU A 300 20.65 -4.32 4.82
N ARG A 301 19.50 -5.00 4.96
CA ARG A 301 18.99 -5.79 3.84
C ARG A 301 18.51 -4.91 2.71
N TYR A 302 17.93 -3.75 3.04
CA TYR A 302 17.45 -2.86 2.01
C TYR A 302 18.60 -2.32 1.17
N ASN A 303 19.70 -1.94 1.82
CA ASN A 303 20.87 -1.48 1.08
C ASN A 303 21.46 -2.60 0.24
N ALA A 304 21.41 -3.84 0.76
CA ALA A 304 21.90 -4.97 -0.01
C ALA A 304 21.09 -5.16 -1.29
N LEU A 305 19.75 -5.19 -1.14
CA LEU A 305 18.88 -5.41 -2.29
C LEU A 305 18.99 -4.27 -3.29
N THR A 306 18.80 -3.02 -2.82
CA THR A 306 18.87 -1.89 -3.74
C THR A 306 20.22 -1.79 -4.45
N SER A 307 21.29 -2.28 -3.83
CA SER A 307 22.59 -2.28 -4.49
C SER A 307 22.75 -3.45 -5.47
N ASN A 308 21.85 -4.43 -5.45
CA ASN A 308 21.91 -5.58 -6.34
C ASN A 308 20.52 -5.90 -6.87
N PRO A 309 19.97 -5.01 -7.70
CA PRO A 309 18.54 -5.12 -8.06
C PRO A 309 18.20 -6.39 -8.84
N SER A 310 19.15 -6.95 -9.59
CA SER A 310 18.88 -8.19 -10.29
C SER A 310 18.42 -9.29 -9.33
N GLN A 311 18.83 -9.22 -8.07
CA GLN A 311 18.27 -10.12 -7.07
C GLN A 311 16.77 -9.87 -6.89
N ILE A 312 16.35 -8.61 -6.92
CA ILE A 312 14.92 -8.34 -6.84
C ILE A 312 14.22 -8.82 -8.11
N GLU A 313 14.86 -8.64 -9.28
CA GLU A 313 14.25 -9.02 -10.55
C GLU A 313 14.07 -10.54 -10.62
N GLU A 314 15.04 -11.30 -10.14
CA GLU A 314 14.89 -12.75 -10.05
C GLU A 314 13.66 -13.12 -9.24
N ILE A 315 13.57 -12.56 -8.03
CA ILE A 315 12.46 -12.87 -7.13
C ILE A 315 11.13 -12.50 -7.76
N LEU A 316 11.11 -11.40 -8.51
CA LEU A 316 9.86 -10.97 -9.15
C LEU A 316 9.47 -11.89 -10.30
N GLN A 317 10.45 -12.40 -11.04
CA GLN A 317 10.15 -13.34 -12.11
C GLN A 317 9.61 -14.64 -11.55
N ALA A 318 10.22 -15.14 -10.48
CA ALA A 318 9.72 -16.35 -9.86
C ALA A 318 8.30 -16.13 -9.36
N GLY A 319 8.03 -14.97 -8.79
CA GLY A 319 6.65 -14.64 -8.42
C GLY A 319 5.72 -14.68 -9.60
N ALA A 320 6.06 -13.95 -10.68
CA ALA A 320 5.20 -13.93 -11.87
C ALA A 320 4.86 -15.35 -12.33
N GLN A 321 5.88 -16.19 -12.47
CA GLN A 321 5.69 -17.59 -12.87
C GLN A 321 4.63 -18.27 -12.02
N LYS A 322 4.72 -18.11 -10.70
CA LYS A 322 3.70 -18.68 -9.83
C LYS A 322 2.33 -18.05 -10.10
N ALA A 323 2.29 -16.72 -10.21
CA ALA A 323 1.01 -16.04 -10.33
C ALA A 323 0.32 -16.38 -11.66
N ARG A 324 1.07 -16.37 -12.76
CA ARG A 324 0.46 -16.62 -14.07
C ARG A 324 -0.12 -18.02 -14.18
N LYS A 325 0.43 -18.99 -13.45
CA LYS A 325 -0.09 -20.35 -13.57
C LYS A 325 -1.53 -20.42 -13.06
N GLU A 326 -1.80 -19.73 -11.94
CA GLU A 326 -3.16 -19.65 -11.44
C GLU A 326 -4.00 -18.63 -12.22
N ALA A 327 -3.38 -17.57 -12.74
CA ALA A 327 -4.12 -16.65 -13.59
C ALA A 327 -4.64 -17.35 -14.82
N ARG A 328 -3.82 -18.21 -15.45
CA ARG A 328 -4.23 -18.83 -16.70
C ARG A 328 -5.29 -19.90 -16.49
N GLU A 329 -5.26 -20.60 -15.35
CA GLU A 329 -6.32 -21.56 -15.03
C GLU A 329 -7.68 -20.86 -15.00
N LEU A 330 -7.77 -19.73 -14.32
CA LEU A 330 -9.05 -19.03 -14.30
C LEU A 330 -9.38 -18.40 -15.65
N LEU A 331 -8.40 -17.80 -16.32
CA LEU A 331 -8.73 -17.08 -17.55
C LEU A 331 -9.30 -18.01 -18.62
N ASP A 332 -8.82 -19.25 -18.68
CA ASP A 332 -9.38 -20.15 -19.69
C ASP A 332 -10.85 -20.43 -19.39
N LYS A 333 -11.18 -20.64 -18.11
CA LYS A 333 -12.60 -20.72 -17.73
C LYS A 333 -13.36 -19.47 -18.17
N VAL A 334 -12.81 -18.29 -17.91
CA VAL A 334 -13.52 -17.06 -18.23
C VAL A 334 -13.66 -16.92 -19.74
N ARG A 335 -12.58 -17.17 -20.47
CA ARG A 335 -12.62 -17.11 -21.92
C ARG A 335 -13.69 -18.02 -22.48
N ASP A 336 -13.82 -19.22 -21.90
CA ASP A 336 -14.86 -20.11 -22.38
C ASP A 336 -16.24 -19.60 -22.02
N ALA A 337 -16.39 -18.97 -20.86
CA ALA A 337 -17.70 -18.52 -20.43
C ALA A 337 -18.24 -17.38 -21.28
N VAL A 338 -17.35 -16.53 -21.83
CA VAL A 338 -17.81 -15.42 -22.64
C VAL A 338 -17.81 -15.74 -24.13
N GLY A 339 -17.51 -16.98 -24.50
CA GLY A 339 -17.68 -17.44 -25.88
C GLY A 339 -16.42 -17.50 -26.71
N ILE A 340 -15.25 -17.24 -26.13
CA ILE A 340 -13.98 -17.36 -26.84
C ILE A 340 -13.57 -18.83 -26.78
N ARG A 341 -13.79 -19.57 -27.85
CA ARG A 341 -13.54 -21.01 -27.87
C ARG A 341 -12.86 -21.44 -29.16
N PRO A 342 -11.97 -22.41 -29.09
CA PRO A 342 -11.28 -22.88 -30.31
C PRO A 342 -12.25 -23.51 -31.30
N LEU A 343 -11.82 -23.53 -32.56
CA LEU A 343 -12.57 -24.17 -33.62
C LEU A 343 -12.18 -25.64 -33.66
N LYS A 344 -13.14 -26.51 -33.36
CA LYS A 344 -12.85 -27.94 -33.20
C LYS A 344 -13.66 -28.77 -34.19
N TRP B . -5.54 1.25 -5.72
CA TRP B . -4.80 0.86 -4.53
C TRP B . -4.20 2.10 -3.88
O TRP B . -3.50 2.02 -2.88
CB TRP B . -3.71 -0.14 -4.88
CG TRP B . -4.25 -1.30 -5.63
CD1 TRP B . -4.29 -1.46 -6.97
CD2 TRP B . -4.89 -2.45 -5.07
NE1 TRP B . -4.90 -2.65 -7.30
CE2 TRP B . -5.27 -3.28 -6.14
CE3 TRP B . -5.16 -2.88 -3.77
CZ2 TRP B . -5.92 -4.49 -5.95
CZ3 TRP B . -5.80 -4.09 -3.59
CH2 TRP B . -6.17 -4.88 -4.66
OXT TRP B . -4.43 3.21 -4.34
S SO4 C . 1.29 8.22 1.25
O1 SO4 C . 2.71 8.52 1.32
O2 SO4 C . 0.56 9.00 2.23
O3 SO4 C . 1.09 6.79 1.47
O4 SO4 C . 0.82 8.57 -0.10
#